data_9CZ5
#
_entry.id   9CZ5
#
_cell.length_a   110.450
_cell.length_b   110.450
_cell.length_c   77.000
_cell.angle_alpha   90.000
_cell.angle_beta   90.000
_cell.angle_gamma   90.000
#
_symmetry.space_group_name_H-M   'P 41 21 2'
#
loop_
_entity.id
_entity.type
_entity.pdbx_description
1 polymer 'Farnesyl pyrophosphate synthase'
2 non-polymer '{[(6-{4-[(1R)-2,2-difluorocyclopropyl]phenyl}thieno[2,3-d]pyrimidin-4-yl)amino]methylene}bis(phosphonic acid)'
3 non-polymer GLYCEROL
4 non-polymer 'SULFATE ION'
5 water water
#
_entity_poly.entity_id   1
_entity_poly.type   'polypeptide(L)'
_entity_poly.pdbx_seq_one_letter_code
;MGSSHHHHHHSSGRENLYFQGHMNGDQNSDVYAQEKQDFVQHFSQIVRVLTEDEMGHPEIGDAIARLKEVLEYNAIGGKY
NRGLTVVVAFRELVEPRKQDADSLQRAWTVGWCVELLQAFFLVADDIMDSSLTRRGQICWYQKPGVGLDAINDANLLEAC
IYRLLKLYCREQPYYLNLIELFLQSSYQTEIGQTLDLLTAPQGNVDLVRFTEKRYKSIVKYKTAFYSFYLPIAAAMYMAG
IDGEKEHANAKKILLEMGEFFQIQDDYLDLFGDPSVTGKIGTDIQDNKCSWLVVQCLQRATPEQYQILKENYGQKEAEKV
ARVKALYEELDLPAVFLQYEEDSYSHIMALIEQYAAPLPPAVFLGLARKIYKRRK
;
_entity_poly.pdbx_strand_id   F
#
loop_
_chem_comp.id
_chem_comp.type
_chem_comp.name
_chem_comp.formula
A1A05 non-polymer '{[(6-{4-[(1R)-2,2-difluorocyclopropyl]phenyl}thieno[2,3-d]pyrimidin-4-yl)amino]methylene}bis(phosphonic acid)' 'C16 H15 F2 N3 O6 P2 S'
GOL non-polymer GLYCEROL 'C3 H8 O3'
SO4 non-polymer 'SULFATE ION' 'O4 S -2'
#
# COMPACT_ATOMS: atom_id res chain seq x y z
N SER A 29 1.36 17.39 3.87
CA SER A 29 0.20 17.85 4.68
C SER A 29 0.68 18.30 6.06
N ASP A 30 0.12 19.38 6.60
CA ASP A 30 0.59 19.97 7.85
C ASP A 30 0.70 18.90 8.94
N VAL A 31 -0.39 18.15 9.17
CA VAL A 31 -0.43 17.18 10.25
C VAL A 31 0.55 16.02 9.98
N TYR A 32 0.78 15.69 8.70
CA TYR A 32 1.73 14.67 8.32
C TYR A 32 3.15 15.25 8.27
N ALA A 33 3.29 16.49 7.79
CA ALA A 33 4.60 17.15 7.69
C ALA A 33 5.13 17.48 9.09
N GLN A 34 4.22 17.75 10.04
CA GLN A 34 4.54 17.92 11.45
C GLN A 34 5.25 16.68 12.00
N GLU A 35 4.67 15.50 11.76
CA GLU A 35 5.07 14.27 12.43
C GLU A 35 6.28 13.62 11.77
N LYS A 36 6.60 14.04 10.55
CA LYS A 36 7.51 13.31 9.69
C LYS A 36 8.92 13.26 10.26
N GLN A 37 9.52 14.42 10.55
CA GLN A 37 10.93 14.52 10.91
C GLN A 37 11.27 13.49 12.00
N ASP A 38 10.49 13.53 13.09
CA ASP A 38 10.75 12.67 14.25
C ASP A 38 10.60 11.19 13.90
N PHE A 39 9.66 10.88 13.01
CA PHE A 39 9.42 9.55 12.51
C PHE A 39 10.68 9.02 11.84
N VAL A 40 11.14 9.75 10.81
CA VAL A 40 12.26 9.31 10.00
C VAL A 40 13.55 9.29 10.82
N GLN A 41 13.64 10.12 11.88
CA GLN A 41 14.82 10.06 12.71
C GLN A 41 14.82 8.73 13.47
N HIS A 42 13.63 8.19 13.77
CA HIS A 42 13.50 7.00 14.61
C HIS A 42 14.08 5.77 13.92
N PHE A 43 14.19 5.84 12.58
CA PHE A 43 14.68 4.72 11.81
C PHE A 43 16.08 4.32 12.24
N SER A 44 16.87 5.29 12.71
CA SER A 44 18.19 5.01 13.25
C SER A 44 18.08 4.04 14.41
N GLN A 45 17.08 4.26 15.28
CA GLN A 45 16.91 3.45 16.48
C GLN A 45 16.42 2.06 16.08
N ILE A 46 15.41 2.01 15.21
CA ILE A 46 14.91 0.77 14.63
C ILE A 46 16.10 -0.12 14.25
N VAL A 47 16.99 0.41 13.40
CA VAL A 47 18.12 -0.37 12.91
C VAL A 47 19.06 -0.74 14.05
N ARG A 48 19.30 0.18 14.99
CA ARG A 48 20.26 -0.05 16.06
C ARG A 48 19.76 -1.28 16.84
N VAL A 49 18.49 -1.22 17.23
CA VAL A 49 17.85 -2.26 18.01
C VAL A 49 17.90 -3.59 17.25
N LEU A 50 17.48 -3.57 15.99
CA LEU A 50 17.41 -4.80 15.21
C LEU A 50 18.80 -5.38 14.92
N THR A 51 19.89 -4.64 15.17
CA THR A 51 21.21 -5.13 14.81
C THR A 51 22.14 -5.12 16.03
N GLU A 52 21.55 -5.18 17.23
CA GLU A 52 22.26 -4.93 18.48
C GLU A 52 22.23 -6.18 19.35
N MET A 55 25.20 -7.68 20.11
CA MET A 55 25.85 -8.93 19.61
C MET A 55 26.47 -9.69 20.78
N GLY A 56 25.62 -10.26 21.65
CA GLY A 56 26.02 -11.32 22.56
C GLY A 56 26.41 -12.59 21.78
N HIS A 57 25.94 -12.65 20.52
CA HIS A 57 26.27 -13.68 19.55
C HIS A 57 27.12 -13.05 18.44
N PRO A 58 28.45 -13.29 18.40
CA PRO A 58 29.29 -12.72 17.35
C PRO A 58 29.22 -13.53 16.05
N GLU A 59 28.87 -14.81 16.21
CA GLU A 59 28.75 -15.77 15.13
C GLU A 59 27.87 -15.26 13.98
N ILE A 60 26.79 -14.50 14.28
CA ILE A 60 25.86 -14.10 13.24
C ILE A 60 26.11 -12.67 12.76
N GLY A 61 27.24 -12.07 13.15
CA GLY A 61 27.49 -10.66 12.86
C GLY A 61 27.27 -10.34 11.39
N ASP A 62 27.84 -11.18 10.52
CA ASP A 62 27.83 -10.95 9.07
C ASP A 62 26.40 -10.90 8.53
N ALA A 63 25.53 -11.80 9.00
CA ALA A 63 24.15 -11.82 8.56
C ALA A 63 23.40 -10.61 9.09
N ILE A 64 23.74 -10.19 10.32
CA ILE A 64 23.12 -9.01 10.89
C ILE A 64 23.54 -7.80 10.05
N ALA A 65 24.83 -7.79 9.66
CA ALA A 65 25.34 -6.76 8.77
C ALA A 65 24.50 -6.72 7.49
N ARG A 66 24.24 -7.89 6.91
CA ARG A 66 23.44 -8.01 5.69
C ARG A 66 22.03 -7.46 5.93
N LEU A 67 21.48 -7.74 7.11
CA LEU A 67 20.15 -7.27 7.47
C LEU A 67 20.13 -5.75 7.46
N LYS A 68 21.17 -5.11 8.02
CA LYS A 68 21.28 -3.65 8.03
C LYS A 68 21.22 -3.11 6.59
N GLU A 69 21.94 -3.79 5.68
CA GLU A 69 22.03 -3.36 4.30
C GLU A 69 20.63 -3.42 3.67
N VAL A 70 19.90 -4.49 3.98
CA VAL A 70 18.58 -4.75 3.42
C VAL A 70 17.57 -3.72 3.89
N LEU A 71 17.64 -3.34 5.18
CA LEU A 71 16.70 -2.39 5.75
C LEU A 71 16.96 -1.02 5.16
N GLU A 72 18.23 -0.60 5.26
CA GLU A 72 18.62 0.68 4.76
C GLU A 72 18.16 0.83 3.31
N TYR A 73 18.37 -0.20 2.48
CA TYR A 73 18.09 -0.08 1.06
C TYR A 73 16.58 0.00 0.81
N ASN A 74 15.81 -0.81 1.55
CA ASN A 74 14.46 -1.13 1.13
C ASN A 74 13.40 -0.38 1.92
N ALA A 75 13.64 -0.05 3.19
CA ALA A 75 12.61 0.60 3.98
C ALA A 75 12.64 2.12 3.73
N ILE A 76 13.73 2.61 3.12
CA ILE A 76 13.98 4.04 2.98
C ILE A 76 13.74 4.47 1.54
N GLY A 77 12.97 5.56 1.38
CA GLY A 77 12.88 6.24 0.08
C GLY A 77 11.44 6.55 -0.35
N GLY A 78 10.45 5.86 0.24
CA GLY A 78 9.06 6.09 -0.10
C GLY A 78 8.56 7.41 0.48
N LYS A 79 7.26 7.66 0.40
CA LYS A 79 6.67 8.83 1.04
C LYS A 79 6.29 8.53 2.50
N TYR A 80 6.29 7.25 2.91
CA TYR A 80 5.96 6.84 4.27
C TYR A 80 4.52 7.14 4.66
N ASN A 81 3.59 7.23 3.71
CA ASN A 81 2.21 7.59 4.04
C ASN A 81 1.56 6.57 4.98
N ARG A 82 1.83 5.29 4.77
CA ARG A 82 1.24 4.26 5.61
C ARG A 82 1.75 4.38 7.04
N GLY A 83 3.09 4.31 7.22
CA GLY A 83 3.75 4.45 8.50
C GLY A 83 3.30 5.70 9.28
N LEU A 84 3.25 6.85 8.60
CA LEU A 84 2.89 8.10 9.23
C LEU A 84 1.44 8.07 9.69
N THR A 85 0.61 7.33 8.94
CA THR A 85 -0.81 7.30 9.30
C THR A 85 -0.93 6.70 10.70
N VAL A 86 -0.05 5.76 11.08
CA VAL A 86 -0.14 5.19 12.41
C VAL A 86 0.07 6.29 13.47
N VAL A 87 1.03 7.18 13.21
CA VAL A 87 1.40 8.20 14.18
C VAL A 87 0.33 9.28 14.24
N VAL A 88 -0.09 9.78 13.07
CA VAL A 88 -1.08 10.84 13.01
C VAL A 88 -2.35 10.38 13.73
N ALA A 89 -2.79 9.16 13.40
CA ALA A 89 -4.00 8.60 13.99
C ALA A 89 -3.84 8.44 15.50
N PHE A 90 -2.67 8.01 15.94
CA PHE A 90 -2.41 7.85 17.36
C PHE A 90 -2.57 9.20 18.05
N ARG A 91 -2.04 10.26 17.42
CA ARG A 91 -2.16 11.57 18.02
C ARG A 91 -3.63 11.96 18.08
N GLU A 92 -4.32 11.85 16.96
CA GLU A 92 -5.75 12.12 16.90
C GLU A 92 -6.54 11.23 17.88
N LEU A 93 -6.09 10.03 18.22
CA LEU A 93 -6.95 9.09 18.93
C LEU A 93 -6.68 9.00 20.44
N VAL A 94 -5.61 9.61 20.96
CA VAL A 94 -5.32 9.49 22.39
C VAL A 94 -5.41 10.85 23.08
N GLU A 95 -5.98 10.87 24.30
CA GLU A 95 -5.92 12.10 25.07
C GLU A 95 -4.43 12.45 25.17
N PRO A 96 -4.05 13.73 24.90
CA PRO A 96 -2.62 14.14 24.90
C PRO A 96 -1.89 13.97 26.22
N ARG A 97 -2.65 13.82 27.33
CA ARG A 97 -2.08 13.55 28.64
C ARG A 97 -1.37 12.19 28.65
N LYS A 98 -1.76 11.29 27.72
CA LYS A 98 -1.24 9.94 27.70
C LYS A 98 -0.32 9.70 26.49
N GLN A 99 0.34 10.76 26.02
CA GLN A 99 1.22 10.67 24.86
C GLN A 99 2.66 11.04 25.31
N ASP A 100 3.16 10.20 26.24
CA ASP A 100 4.51 10.33 26.77
C ASP A 100 5.58 9.89 25.75
N ALA A 101 6.83 10.11 26.16
CA ALA A 101 8.01 9.70 25.43
C ALA A 101 7.84 8.29 24.90
N ASP A 102 7.52 7.37 25.83
CA ASP A 102 7.45 5.94 25.56
C ASP A 102 6.36 5.67 24.51
N SER A 103 5.18 6.30 24.67
CA SER A 103 4.03 6.04 23.81
C SER A 103 4.33 6.28 22.34
N LEU A 104 5.13 7.31 22.06
CA LEU A 104 5.38 7.76 20.71
C LEU A 104 6.47 6.91 20.08
N GLN A 105 7.53 6.64 20.84
CA GLN A 105 8.48 5.58 20.52
C GLN A 105 7.75 4.39 19.91
N ARG A 106 6.74 3.91 20.65
CA ARG A 106 5.93 2.78 20.26
C ARG A 106 5.18 3.07 18.97
N ALA A 107 4.57 4.26 18.88
CA ALA A 107 3.86 4.67 17.67
C ALA A 107 4.81 4.75 16.47
N TRP A 108 5.99 5.32 16.68
CA TRP A 108 7.01 5.35 15.64
C TRP A 108 7.33 3.92 15.23
N THR A 109 7.52 3.05 16.22
CA THR A 109 7.89 1.67 15.95
C THR A 109 6.79 0.98 15.13
N VAL A 110 5.57 0.99 15.65
CA VAL A 110 4.46 0.38 14.95
C VAL A 110 4.34 0.98 13.57
N GLY A 111 4.53 2.31 13.45
CA GLY A 111 4.54 2.96 12.16
C GLY A 111 5.59 2.33 11.23
N TRP A 112 6.77 2.08 11.77
CA TRP A 112 7.82 1.52 10.96
C TRP A 112 7.54 0.06 10.62
N CYS A 113 6.76 -0.61 11.49
CA CYS A 113 6.34 -1.98 11.22
C CYS A 113 5.54 -2.03 9.91
N VAL A 114 4.63 -1.09 9.71
CA VAL A 114 3.89 -1.00 8.46
C VAL A 114 4.84 -0.83 7.29
N GLU A 115 5.83 0.05 7.46
CA GLU A 115 6.74 0.36 6.37
C GLU A 115 7.57 -0.89 6.04
N LEU A 116 7.93 -1.69 7.05
CA LEU A 116 8.59 -2.96 6.79
C LEU A 116 7.67 -3.95 6.06
N LEU A 117 6.40 -4.00 6.44
CA LEU A 117 5.47 -4.85 5.72
C LEU A 117 5.44 -4.48 4.23
N GLN A 118 5.35 -3.18 3.93
CA GLN A 118 5.33 -2.71 2.56
C GLN A 118 6.62 -3.13 1.85
N ALA A 119 7.74 -2.96 2.56
CA ALA A 119 9.06 -3.28 2.06
C ALA A 119 9.15 -4.76 1.68
N PHE A 120 8.78 -5.64 2.63
CA PHE A 120 8.63 -7.06 2.37
C PHE A 120 7.87 -7.32 1.06
N PHE A 121 6.71 -6.69 0.91
CA PHE A 121 5.84 -6.93 -0.25
C PHE A 121 6.53 -6.51 -1.53
N LEU A 122 7.22 -5.38 -1.51
CA LEU A 122 7.71 -4.80 -2.75
C LEU A 122 8.99 -5.49 -3.21
N VAL A 123 9.85 -5.88 -2.29
CA VAL A 123 11.03 -6.61 -2.67
C VAL A 123 10.58 -7.83 -3.47
N ALA A 124 9.56 -8.53 -2.94
CA ALA A 124 9.13 -9.79 -3.52
C ALA A 124 8.35 -9.54 -4.79
N ASP A 125 7.52 -8.50 -4.80
CA ASP A 125 6.73 -8.20 -5.98
C ASP A 125 7.65 -7.96 -7.18
N ASP A 126 8.76 -7.25 -6.93
CA ASP A 126 9.69 -6.83 -7.96
C ASP A 126 10.39 -8.03 -8.57
N ILE A 127 10.69 -9.02 -7.73
CA ILE A 127 11.22 -10.27 -8.23
C ILE A 127 10.17 -10.90 -9.12
N MET A 128 8.95 -10.98 -8.61
CA MET A 128 7.92 -11.76 -9.29
C MET A 128 7.59 -11.12 -10.63
N ASP A 129 7.55 -9.78 -10.67
CA ASP A 129 7.21 -9.04 -11.88
C ASP A 129 8.39 -8.89 -12.83
N SER A 130 9.60 -9.24 -12.39
CA SER A 130 10.80 -9.05 -13.17
C SER A 130 11.01 -7.57 -13.48
N SER A 131 10.83 -6.76 -12.43
CA SER A 131 11.02 -5.32 -12.48
C SER A 131 12.51 -4.99 -12.49
N LEU A 132 12.85 -3.75 -12.92
CA LEU A 132 14.20 -3.21 -12.94
C LEU A 132 14.39 -2.10 -11.92
N THR A 133 13.42 -1.17 -11.90
CA THR A 133 13.45 0.05 -11.12
C THR A 133 12.31 0.05 -10.09
N ARG A 134 12.57 0.66 -8.94
CA ARG A 134 11.59 0.86 -7.89
C ARG A 134 11.93 2.17 -7.18
N ARG A 135 11.15 3.21 -7.44
CA ARG A 135 11.45 4.53 -6.93
C ARG A 135 12.65 5.09 -7.70
N GLY A 136 12.75 4.80 -9.01
CA GLY A 136 13.78 5.37 -9.86
C GLY A 136 15.20 4.86 -9.56
N GLN A 137 15.29 3.84 -8.69
CA GLN A 137 16.55 3.18 -8.36
C GLN A 137 16.41 1.66 -8.57
N ILE A 138 17.57 1.01 -8.67
CA ILE A 138 17.66 -0.37 -9.10
C ILE A 138 16.92 -1.21 -8.06
N CYS A 139 16.04 -2.11 -8.51
CA CYS A 139 15.42 -3.01 -7.55
C CYS A 139 16.51 -3.82 -6.87
N TRP A 140 16.32 -4.04 -5.57
CA TRP A 140 17.26 -4.76 -4.73
C TRP A 140 17.73 -6.03 -5.43
N TYR A 141 16.80 -6.90 -5.83
CA TYR A 141 17.16 -8.22 -6.34
C TYR A 141 18.03 -8.09 -7.59
N GLN A 142 18.04 -6.92 -8.23
CA GLN A 142 18.80 -6.70 -9.46
C GLN A 142 20.21 -6.18 -9.16
N LYS A 143 20.45 -5.84 -7.89
CA LYS A 143 21.73 -5.28 -7.53
C LYS A 143 22.76 -6.38 -7.68
N PRO A 144 23.98 -6.07 -8.18
CA PRO A 144 24.94 -7.12 -8.51
C PRO A 144 25.20 -7.86 -7.21
N GLY A 145 24.96 -9.18 -7.22
CA GLY A 145 25.29 -10.03 -6.09
C GLY A 145 24.12 -10.32 -5.16
N VAL A 146 22.93 -9.79 -5.44
CA VAL A 146 21.79 -10.11 -4.59
C VAL A 146 21.01 -11.24 -5.26
N GLY A 147 20.39 -10.96 -6.39
CA GLY A 147 19.61 -11.94 -7.11
C GLY A 147 18.48 -12.48 -6.25
N LEU A 148 18.25 -13.80 -6.34
CA LEU A 148 17.13 -14.43 -5.68
C LEU A 148 17.38 -14.61 -4.19
N ASP A 149 18.59 -14.30 -3.73
CA ASP A 149 18.83 -14.16 -2.31
C ASP A 149 17.85 -13.15 -1.72
N ALA A 150 17.35 -12.26 -2.59
CA ALA A 150 16.37 -11.27 -2.17
C ALA A 150 15.12 -11.91 -1.60
N ILE A 151 14.83 -13.18 -1.91
CA ILE A 151 13.65 -13.84 -1.35
C ILE A 151 13.82 -13.95 0.16
N ASN A 152 15.02 -14.35 0.57
CA ASN A 152 15.34 -14.45 1.98
C ASN A 152 15.27 -13.06 2.60
N ASP A 153 15.81 -12.07 1.87
CA ASP A 153 15.85 -10.70 2.35
C ASP A 153 14.43 -10.20 2.61
N ALA A 154 13.54 -10.46 1.67
CA ALA A 154 12.16 -10.04 1.85
C ALA A 154 11.61 -10.64 3.15
N ASN A 155 11.86 -11.92 3.40
CA ASN A 155 11.30 -12.57 4.59
C ASN A 155 11.88 -11.98 5.86
N LEU A 156 13.17 -11.63 5.84
CA LEU A 156 13.81 -10.92 6.95
C LEU A 156 13.08 -9.62 7.28
N LEU A 157 12.71 -8.85 6.25
CA LEU A 157 11.97 -7.62 6.48
C LEU A 157 10.67 -7.93 7.23
N GLU A 158 9.99 -9.01 6.85
CA GLU A 158 8.74 -9.35 7.50
C GLU A 158 8.99 -9.79 8.95
N ALA A 159 10.06 -10.58 9.14
CA ALA A 159 10.43 -11.04 10.47
C ALA A 159 10.63 -9.87 11.41
N CYS A 160 11.14 -8.76 10.87
CA CYS A 160 11.57 -7.65 11.70
C CYS A 160 10.38 -7.03 12.40
N ILE A 161 9.21 -7.07 11.73
CA ILE A 161 7.95 -6.58 12.27
C ILE A 161 7.69 -7.17 13.66
N TYR A 162 7.86 -8.49 13.82
CA TYR A 162 7.43 -9.19 15.01
C TYR A 162 8.49 -9.03 16.08
N ARG A 163 9.76 -8.86 15.66
CA ARG A 163 10.84 -8.57 16.58
C ARG A 163 10.65 -7.21 17.22
N LEU A 164 10.27 -6.22 16.39
CA LEU A 164 10.01 -4.89 16.87
C LEU A 164 8.79 -4.87 17.78
N LEU A 165 7.71 -5.57 17.39
CA LEU A 165 6.53 -5.62 18.21
C LEU A 165 6.86 -6.22 19.59
N LYS A 166 7.71 -7.26 19.62
CA LYS A 166 8.01 -7.90 20.89
C LYS A 166 8.78 -6.93 21.77
N LEU A 167 9.77 -6.27 21.16
CA LEU A 167 10.75 -5.45 21.89
C LEU A 167 10.09 -4.22 22.50
N TYR A 168 9.22 -3.57 21.73
CA TYR A 168 8.62 -2.31 22.12
C TYR A 168 7.22 -2.51 22.69
N CYS A 169 6.53 -3.65 22.49
CA CYS A 169 5.15 -3.73 22.94
C CYS A 169 4.74 -5.00 23.67
N ARG A 170 5.65 -5.88 24.10
CA ARG A 170 5.22 -7.15 24.65
C ARG A 170 4.38 -6.95 25.91
N GLU A 171 4.65 -5.90 26.69
CA GLU A 171 3.98 -5.73 27.96
C GLU A 171 2.65 -5.00 27.80
N GLN A 172 2.31 -4.58 26.57
CA GLN A 172 1.14 -3.75 26.35
C GLN A 172 -0.09 -4.63 26.12
N PRO A 173 -1.29 -4.17 26.57
CA PRO A 173 -2.52 -4.92 26.35
C PRO A 173 -2.86 -5.18 24.88
N TYR A 174 -2.44 -4.28 23.99
CA TYR A 174 -2.75 -4.42 22.57
C TYR A 174 -1.75 -5.33 21.84
N TYR A 175 -0.84 -6.00 22.58
CA TYR A 175 0.29 -6.66 21.96
C TYR A 175 -0.18 -7.72 20.95
N LEU A 176 -0.99 -8.66 21.44
CA LEU A 176 -1.53 -9.75 20.63
C LEU A 176 -2.37 -9.22 19.47
N ASN A 177 -3.11 -8.13 19.72
CA ASN A 177 -3.99 -7.56 18.71
C ASN A 177 -3.17 -7.10 17.51
N LEU A 178 -2.00 -6.52 17.76
CA LEU A 178 -1.16 -6.03 16.68
C LEU A 178 -0.54 -7.22 15.97
N ILE A 179 -0.05 -8.21 16.72
CA ILE A 179 0.53 -9.37 16.07
C ILE A 179 -0.49 -9.90 15.08
N GLU A 180 -1.72 -10.16 15.55
CA GLU A 180 -2.75 -10.76 14.73
C GLU A 180 -3.09 -9.85 13.57
N LEU A 181 -3.11 -8.52 13.80
CA LEU A 181 -3.49 -7.55 12.79
C LEU A 181 -2.49 -7.56 11.64
N PHE A 182 -1.20 -7.57 12.00
CA PHE A 182 -0.12 -7.64 11.02
C PHE A 182 -0.17 -8.96 10.25
N LEU A 183 -0.33 -10.07 10.96
CA LEU A 183 -0.33 -11.40 10.36
C LEU A 183 -1.46 -11.51 9.35
N GLN A 184 -2.64 -11.08 9.80
CA GLN A 184 -3.81 -11.02 8.96
C GLN A 184 -3.58 -10.12 7.75
N SER A 185 -2.99 -8.95 7.96
CA SER A 185 -2.76 -8.02 6.88
C SER A 185 -1.89 -8.65 5.79
N SER A 186 -0.89 -9.45 6.21
CA SER A 186 -0.03 -10.20 5.29
C SER A 186 -0.79 -11.26 4.50
N TYR A 187 -1.59 -12.06 5.21
CA TYR A 187 -2.44 -13.06 4.59
C TYR A 187 -3.33 -12.45 3.52
N GLN A 188 -4.05 -11.38 3.84
CA GLN A 188 -4.96 -10.76 2.90
C GLN A 188 -4.26 -10.26 1.65
N THR A 189 -3.05 -9.73 1.84
CA THR A 189 -2.31 -9.14 0.74
C THR A 189 -1.83 -10.26 -0.17
N GLU A 190 -1.38 -11.36 0.45
CA GLU A 190 -0.83 -12.47 -0.29
C GLU A 190 -1.92 -13.15 -1.12
N ILE A 191 -3.11 -13.26 -0.52
CA ILE A 191 -4.30 -13.77 -1.18
C ILE A 191 -4.61 -12.91 -2.39
N GLY A 192 -4.65 -11.59 -2.17
CA GLY A 192 -4.83 -10.65 -3.27
C GLY A 192 -3.75 -10.79 -4.33
N GLN A 193 -2.49 -11.00 -3.91
CA GLN A 193 -1.42 -11.13 -4.88
C GLN A 193 -1.65 -12.39 -5.70
N THR A 194 -2.15 -13.45 -5.05
CA THR A 194 -2.51 -14.68 -5.73
C THR A 194 -3.58 -14.39 -6.79
N LEU A 195 -4.54 -13.57 -6.38
CA LEU A 195 -5.68 -13.31 -7.25
C LEU A 195 -5.21 -12.55 -8.50
N ASP A 196 -4.33 -11.57 -8.29
CA ASP A 196 -3.75 -10.76 -9.34
C ASP A 196 -2.91 -11.65 -10.27
N LEU A 197 -2.12 -12.55 -9.70
CA LEU A 197 -1.26 -13.41 -10.48
C LEU A 197 -2.10 -14.35 -11.34
N LEU A 198 -3.20 -14.87 -10.78
CA LEU A 198 -4.14 -15.68 -11.57
C LEU A 198 -4.74 -14.83 -12.68
N THR A 199 -5.11 -13.58 -12.37
CA THR A 199 -5.92 -12.75 -13.25
C THR A 199 -5.09 -12.28 -14.45
N ALA A 200 -3.80 -12.01 -14.23
CA ALA A 200 -2.94 -11.41 -15.24
C ALA A 200 -1.66 -12.21 -15.47
N PRO A 201 -1.71 -13.48 -15.92
CA PRO A 201 -0.48 -14.23 -16.26
C PRO A 201 0.47 -13.45 -17.18
N ASN A 204 0.64 -14.46 -21.03
CA ASN A 204 -0.63 -14.99 -21.58
C ASN A 204 -1.71 -13.93 -21.43
N VAL A 205 -2.26 -13.48 -22.58
CA VAL A 205 -3.11 -12.30 -22.65
C VAL A 205 -4.57 -12.73 -22.77
N ASP A 206 -5.37 -12.45 -21.71
CA ASP A 206 -6.76 -12.84 -21.66
C ASP A 206 -7.57 -11.86 -20.82
N LEU A 207 -8.47 -11.16 -21.54
CA LEU A 207 -9.28 -10.07 -21.01
C LEU A 207 -10.57 -10.64 -20.42
N VAL A 208 -10.92 -11.87 -20.78
CA VAL A 208 -12.18 -12.48 -20.39
C VAL A 208 -12.30 -12.50 -18.87
N ARG A 209 -11.16 -12.57 -18.17
CA ARG A 209 -11.20 -12.67 -16.72
C ARG A 209 -11.01 -11.31 -16.05
N PHE A 210 -10.90 -10.21 -16.83
CA PHE A 210 -10.75 -8.87 -16.30
C PHE A 210 -12.12 -8.27 -16.03
N THR A 211 -12.87 -8.86 -15.09
CA THR A 211 -14.19 -8.37 -14.75
C THR A 211 -14.06 -7.29 -13.67
N GLU A 212 -15.18 -6.64 -13.34
CA GLU A 212 -15.17 -5.55 -12.37
C GLU A 212 -15.29 -6.11 -10.96
N LYS A 213 -16.05 -7.20 -10.80
CA LYS A 213 -16.16 -7.93 -9.54
C LYS A 213 -14.76 -8.39 -9.12
N ARG A 214 -13.97 -8.77 -10.14
CA ARG A 214 -12.64 -9.31 -9.93
C ARG A 214 -11.64 -8.19 -9.65
N TYR A 215 -11.77 -7.07 -10.37
CA TYR A 215 -10.93 -5.91 -10.11
C TYR A 215 -11.16 -5.42 -8.68
N LYS A 216 -12.45 -5.20 -8.33
CA LYS A 216 -12.83 -4.70 -7.02
C LYS A 216 -12.22 -5.60 -5.94
N SER A 217 -12.11 -6.89 -6.24
CA SER A 217 -11.65 -7.86 -5.27
C SER A 217 -10.13 -7.86 -5.14
N ILE A 218 -9.39 -7.79 -6.25
CA ILE A 218 -7.95 -7.69 -6.19
C ILE A 218 -7.56 -6.47 -5.33
N VAL A 219 -8.16 -5.31 -5.64
CA VAL A 219 -7.78 -4.06 -5.01
C VAL A 219 -7.99 -4.18 -3.50
N LYS A 220 -9.10 -4.81 -3.11
CA LYS A 220 -9.49 -4.90 -1.71
C LYS A 220 -8.47 -5.67 -0.88
N TYR A 221 -8.05 -6.86 -1.37
CA TYR A 221 -7.20 -7.77 -0.62
C TYR A 221 -5.74 -7.36 -0.70
N LYS A 222 -5.32 -7.00 -1.92
CA LYS A 222 -3.94 -6.77 -2.24
C LYS A 222 -3.43 -5.40 -1.80
N THR A 223 -4.29 -4.34 -1.76
CA THR A 223 -3.81 -2.99 -1.45
C THR A 223 -4.60 -2.31 -0.34
N ALA A 224 -5.93 -2.41 -0.36
CA ALA A 224 -6.74 -1.59 0.51
C ALA A 224 -6.57 -1.99 1.97
N PHE A 225 -6.59 -3.29 2.24
CA PHE A 225 -6.51 -3.77 3.61
C PHE A 225 -5.24 -3.21 4.26
N TYR A 226 -4.05 -3.44 3.68
CA TYR A 226 -2.83 -3.10 4.41
C TYR A 226 -2.48 -1.62 4.23
N SER A 227 -3.02 -0.97 3.21
CA SER A 227 -2.64 0.40 2.93
C SER A 227 -3.53 1.38 3.68
N PHE A 228 -4.79 1.00 3.95
CA PHE A 228 -5.80 1.88 4.53
C PHE A 228 -6.34 1.35 5.86
N TYR A 229 -6.67 0.06 5.94
CA TYR A 229 -7.23 -0.45 7.19
C TYR A 229 -6.11 -0.60 8.22
N LEU A 230 -5.01 -1.27 7.86
CA LEU A 230 -3.96 -1.63 8.79
C LEU A 230 -3.46 -0.43 9.60
N PRO A 231 -3.07 0.71 8.99
CA PRO A 231 -2.38 1.73 9.77
C PRO A 231 -3.31 2.34 10.83
N ILE A 232 -4.58 2.55 10.47
CA ILE A 232 -5.55 3.13 11.38
C ILE A 232 -5.87 2.14 12.50
N ALA A 233 -6.00 0.86 12.13
CA ALA A 233 -6.41 -0.16 13.09
C ALA A 233 -5.32 -0.37 14.14
N ALA A 234 -4.06 -0.32 13.72
CA ALA A 234 -2.97 -0.44 14.66
C ALA A 234 -3.06 0.69 15.69
N ALA A 235 -3.42 1.89 15.22
CA ALA A 235 -3.57 3.06 16.09
C ALA A 235 -4.78 2.89 17.00
N MET A 236 -5.88 2.33 16.47
CA MET A 236 -7.09 2.14 17.24
C MET A 236 -6.80 1.20 18.41
N TYR A 237 -6.15 0.08 18.09
CA TYR A 237 -5.70 -0.87 19.10
C TYR A 237 -4.76 -0.19 20.08
N MET A 238 -3.84 0.64 19.57
CA MET A 238 -2.84 1.24 20.45
C MET A 238 -3.57 2.12 21.45
N ALA A 239 -4.66 2.73 20.97
CA ALA A 239 -5.40 3.67 21.80
C ALA A 239 -6.50 2.98 22.60
N GLY A 240 -6.52 1.65 22.64
CA GLY A 240 -7.46 0.93 23.49
C GLY A 240 -8.81 0.69 22.82
N ILE A 241 -8.98 1.13 21.56
CA ILE A 241 -10.18 0.86 20.80
C ILE A 241 -10.07 -0.50 20.11
N ASP A 242 -10.61 -1.53 20.78
CA ASP A 242 -10.40 -2.91 20.40
C ASP A 242 -11.70 -3.56 19.94
N GLY A 243 -12.84 -2.88 20.09
CA GLY A 243 -14.13 -3.49 19.84
C GLY A 243 -14.33 -3.82 18.37
N GLU A 244 -15.12 -4.86 18.09
CA GLU A 244 -15.29 -5.38 16.73
C GLU A 244 -16.17 -4.47 15.88
N LYS A 245 -17.28 -3.96 16.44
CA LYS A 245 -18.12 -3.01 15.72
C LYS A 245 -17.30 -1.75 15.41
N GLU A 246 -16.44 -1.30 16.33
CA GLU A 246 -15.63 -0.12 16.08
C GLU A 246 -14.78 -0.38 14.84
N HIS A 247 -14.03 -1.48 14.87
CA HIS A 247 -13.15 -1.87 13.77
C HIS A 247 -13.92 -2.14 12.48
N ALA A 248 -15.08 -2.76 12.57
CA ALA A 248 -15.83 -3.05 11.36
C ALA A 248 -16.20 -1.74 10.66
N ASN A 249 -16.51 -0.69 11.44
CA ASN A 249 -16.93 0.59 10.89
C ASN A 249 -15.76 1.31 10.21
N ALA A 250 -14.61 1.27 10.89
CA ALA A 250 -13.39 1.86 10.38
C ALA A 250 -13.06 1.18 9.05
N LYS A 251 -13.14 -0.15 9.06
CA LYS A 251 -12.83 -0.97 7.89
C LYS A 251 -13.73 -0.57 6.71
N LYS A 252 -15.03 -0.39 6.97
CA LYS A 252 -16.01 -0.17 5.91
C LYS A 252 -15.64 1.12 5.19
N ILE A 253 -15.26 2.14 5.97
CA ILE A 253 -14.86 3.41 5.39
C ILE A 253 -13.57 3.20 4.61
N LEU A 254 -12.57 2.62 5.28
CA LEU A 254 -11.20 2.63 4.80
C LEU A 254 -11.02 1.78 3.54
N LEU A 255 -11.81 0.71 3.40
CA LEU A 255 -11.71 -0.14 2.21
C LEU A 255 -12.28 0.60 1.00
N GLU A 256 -13.43 1.25 1.16
CA GLU A 256 -14.03 1.99 0.05
C GLU A 256 -13.09 3.15 -0.32
N MET A 257 -12.45 3.77 0.66
CA MET A 257 -11.45 4.77 0.36
C MET A 257 -10.35 4.16 -0.49
N GLY A 258 -9.78 3.05 -0.01
CA GLY A 258 -8.72 2.35 -0.71
C GLY A 258 -9.07 2.01 -2.16
N GLU A 259 -10.30 1.55 -2.39
CA GLU A 259 -10.80 1.30 -3.73
C GLU A 259 -10.71 2.57 -4.57
N PHE A 260 -11.16 3.70 -4.00
CA PHE A 260 -11.14 4.94 -4.74
C PHE A 260 -9.72 5.27 -5.20
N PHE A 261 -8.74 5.22 -4.28
CA PHE A 261 -7.42 5.73 -4.61
C PHE A 261 -6.72 4.85 -5.64
N GLN A 262 -7.00 3.54 -5.63
CA GLN A 262 -6.40 2.63 -6.60
C GLN A 262 -6.94 2.93 -8.00
N ILE A 263 -8.25 3.16 -8.07
CA ILE A 263 -8.88 3.54 -9.32
C ILE A 263 -8.29 4.85 -9.83
N GLN A 264 -8.13 5.83 -8.94
CA GLN A 264 -7.46 7.08 -9.27
C GLN A 264 -6.07 6.80 -9.81
N ASP A 265 -5.38 5.88 -9.15
CA ASP A 265 -4.00 5.57 -9.47
C ASP A 265 -3.93 4.98 -10.86
N ASP A 266 -4.90 4.10 -11.15
CA ASP A 266 -5.03 3.50 -12.46
C ASP A 266 -5.38 4.53 -13.53
N TYR A 267 -6.17 5.53 -13.18
CA TYR A 267 -6.54 6.58 -14.13
C TYR A 267 -5.30 7.38 -14.51
N LEU A 268 -4.62 7.90 -13.48
CA LEU A 268 -3.48 8.80 -13.63
C LEU A 268 -2.31 8.10 -14.30
N ASP A 269 -2.31 6.77 -14.26
CA ASP A 269 -1.29 5.98 -14.93
C ASP A 269 -1.21 6.39 -16.40
N LEU A 270 -2.36 6.38 -17.09
CA LEU A 270 -2.39 6.70 -18.51
C LEU A 270 -2.57 8.20 -18.72
N PHE A 271 -3.45 8.84 -17.94
CA PHE A 271 -3.88 10.20 -18.25
C PHE A 271 -3.19 11.25 -17.37
N GLY A 272 -2.71 10.86 -16.19
CA GLY A 272 -2.04 11.82 -15.34
C GLY A 272 -0.84 12.42 -16.08
N ASP A 273 -0.61 13.72 -15.88
CA ASP A 273 0.60 14.35 -16.38
C ASP A 273 1.73 13.83 -15.48
N PRO A 274 2.69 13.04 -16.00
CA PRO A 274 3.68 12.37 -15.14
C PRO A 274 4.66 13.27 -14.38
N SER A 275 4.79 14.53 -14.79
CA SER A 275 5.54 15.50 -14.00
C SER A 275 4.78 15.85 -12.71
N VAL A 276 3.45 15.81 -12.77
CA VAL A 276 2.61 15.96 -11.59
C VAL A 276 2.74 14.71 -10.72
N THR A 277 2.57 13.52 -11.32
CA THR A 277 2.38 12.29 -10.56
C THR A 277 3.70 11.85 -9.93
N GLY A 278 4.68 11.53 -10.78
CA GLY A 278 5.90 10.86 -10.37
C GLY A 278 6.11 9.56 -11.17
N LYS A 279 5.01 8.81 -11.36
CA LYS A 279 5.04 7.62 -12.20
C LYS A 279 4.89 8.02 -13.67
N ILE A 280 5.54 7.23 -14.54
CA ILE A 280 5.31 7.19 -15.97
C ILE A 280 4.60 5.88 -16.28
N GLY A 281 3.32 5.95 -16.65
CA GLY A 281 2.44 4.78 -16.58
C GLY A 281 2.82 3.71 -17.61
N THR A 282 2.67 2.43 -17.24
CA THR A 282 2.91 1.34 -18.18
C THR A 282 1.91 0.20 -17.95
N ASP A 283 0.70 0.51 -17.50
CA ASP A 283 -0.27 -0.53 -17.23
C ASP A 283 -0.72 -1.23 -18.51
N ILE A 284 -0.57 -0.57 -19.66
CA ILE A 284 -1.02 -1.18 -20.92
C ILE A 284 0.04 -2.18 -21.40
N GLN A 285 1.31 -1.75 -21.42
CA GLN A 285 2.41 -2.62 -21.82
C GLN A 285 2.48 -3.79 -20.85
N ASP A 286 2.35 -3.48 -19.54
CA ASP A 286 2.52 -4.48 -18.50
C ASP A 286 1.35 -5.47 -18.51
N ASN A 287 0.24 -5.13 -19.17
CA ASN A 287 -0.91 -6.00 -19.28
C ASN A 287 -1.66 -6.10 -17.95
N LYS A 288 -1.62 -5.04 -17.13
CA LYS A 288 -2.17 -5.05 -15.77
C LYS A 288 -3.70 -4.98 -15.84
N CYS A 289 -4.37 -5.38 -14.75
CA CYS A 289 -5.82 -5.35 -14.67
C CYS A 289 -6.26 -3.99 -14.14
N SER A 290 -6.16 -2.97 -15.01
CA SER A 290 -6.43 -1.58 -14.68
C SER A 290 -7.94 -1.32 -14.67
N TRP A 291 -8.36 -0.36 -13.84
CA TRP A 291 -9.73 0.10 -13.86
C TRP A 291 -10.11 0.42 -15.30
N LEU A 292 -9.23 1.19 -15.96
CA LEU A 292 -9.46 1.69 -17.30
C LEU A 292 -9.91 0.56 -18.23
N VAL A 293 -9.16 -0.56 -18.22
CA VAL A 293 -9.39 -1.62 -19.18
C VAL A 293 -10.70 -2.33 -18.85
N VAL A 294 -11.01 -2.49 -17.55
CA VAL A 294 -12.25 -3.12 -17.12
C VAL A 294 -13.43 -2.35 -17.70
N GLN A 295 -13.40 -1.02 -17.53
CA GLN A 295 -14.46 -0.15 -18.00
C GLN A 295 -14.54 -0.25 -19.53
N CYS A 296 -13.40 -0.05 -20.20
CA CYS A 296 -13.30 -0.19 -21.64
C CYS A 296 -13.93 -1.50 -22.12
N LEU A 297 -13.78 -2.58 -21.34
CA LEU A 297 -14.29 -3.88 -21.72
C LEU A 297 -15.81 -3.94 -21.61
N GLN A 298 -16.41 -3.20 -20.66
CA GLN A 298 -17.85 -3.20 -20.54
C GLN A 298 -18.52 -2.37 -21.63
N ARG A 299 -17.74 -1.58 -22.38
CA ARG A 299 -18.27 -0.57 -23.29
C ARG A 299 -17.97 -0.93 -24.75
N ALA A 300 -16.77 -1.43 -25.02
CA ALA A 300 -16.32 -1.74 -26.37
C ALA A 300 -17.37 -2.52 -27.16
N THR A 301 -17.51 -2.21 -28.46
CA THR A 301 -18.22 -3.08 -29.39
C THR A 301 -17.35 -4.30 -29.64
N PRO A 302 -17.92 -5.46 -30.08
CA PRO A 302 -17.13 -6.58 -30.57
C PRO A 302 -15.95 -6.16 -31.46
N GLU A 303 -16.16 -5.09 -32.25
CA GLU A 303 -15.12 -4.51 -33.09
C GLU A 303 -13.95 -4.02 -32.23
N GLN A 304 -14.28 -3.30 -31.16
CA GLN A 304 -13.28 -2.61 -30.36
C GLN A 304 -12.55 -3.57 -29.44
N TYR A 305 -13.27 -4.55 -28.88
CA TYR A 305 -12.66 -5.62 -28.11
C TYR A 305 -11.52 -6.24 -28.93
N GLN A 306 -11.76 -6.44 -30.23
CA GLN A 306 -10.75 -6.97 -31.15
C GLN A 306 -9.56 -6.02 -31.19
N ILE A 307 -9.81 -4.70 -31.22
CA ILE A 307 -8.73 -3.72 -31.25
C ILE A 307 -7.96 -3.77 -29.94
N LEU A 308 -8.63 -4.16 -28.85
CA LEU A 308 -8.01 -4.22 -27.53
C LEU A 308 -7.12 -5.46 -27.43
N LYS A 309 -7.69 -6.64 -27.73
CA LYS A 309 -6.90 -7.85 -27.92
C LYS A 309 -5.69 -7.50 -28.78
N GLU A 310 -5.86 -6.57 -29.72
CA GLU A 310 -4.84 -6.29 -30.72
C GLU A 310 -3.65 -5.50 -30.15
N ASN A 311 -3.81 -4.78 -29.04
CA ASN A 311 -2.79 -3.80 -28.70
C ASN A 311 -2.31 -3.89 -27.25
N TYR A 312 -3.07 -4.58 -26.37
CA TYR A 312 -2.79 -4.54 -24.94
C TYR A 312 -1.65 -5.52 -24.66
N GLY A 313 -0.50 -4.98 -24.20
CA GLY A 313 0.62 -5.81 -23.81
C GLY A 313 1.92 -5.47 -24.53
N GLN A 314 1.82 -4.96 -25.77
CA GLN A 314 3.00 -4.76 -26.61
C GLN A 314 3.98 -3.76 -26.01
N LYS A 315 5.26 -3.93 -26.34
CA LYS A 315 6.28 -2.93 -26.08
C LYS A 315 5.96 -1.68 -26.91
N GLU A 316 5.99 -1.83 -28.24
CA GLU A 316 5.98 -0.73 -29.20
C GLU A 316 4.80 0.21 -28.94
N ALA A 317 5.05 1.52 -29.13
CA ALA A 317 4.18 2.57 -28.61
C ALA A 317 3.04 2.91 -29.56
N GLU A 318 3.20 2.58 -30.85
CA GLU A 318 2.15 2.75 -31.84
C GLU A 318 0.94 1.90 -31.43
N LYS A 319 1.20 0.74 -30.81
CA LYS A 319 0.18 -0.14 -30.27
C LYS A 319 -0.38 0.47 -28.97
N VAL A 320 0.53 0.98 -28.14
CA VAL A 320 0.19 1.54 -26.83
C VAL A 320 -0.72 2.76 -26.99
N ALA A 321 -0.46 3.56 -28.04
CA ALA A 321 -1.23 4.76 -28.33
C ALA A 321 -2.60 4.41 -28.91
N ARG A 322 -2.71 3.22 -29.52
CA ARG A 322 -3.97 2.77 -30.09
C ARG A 322 -4.93 2.37 -28.95
N VAL A 323 -4.36 2.01 -27.79
CA VAL A 323 -5.19 1.68 -26.64
C VAL A 323 -5.73 2.97 -26.02
N LYS A 324 -4.81 3.90 -25.73
CA LYS A 324 -5.15 5.19 -25.15
C LYS A 324 -6.20 5.91 -26.02
N ALA A 325 -6.03 5.83 -27.34
CA ALA A 325 -6.94 6.49 -28.26
C ALA A 325 -8.31 5.79 -28.25
N LEU A 326 -8.34 4.49 -27.94
CA LEU A 326 -9.60 3.78 -27.86
C LEU A 326 -10.34 4.22 -26.62
N TYR A 327 -9.63 4.23 -25.49
CA TYR A 327 -10.18 4.67 -24.22
C TYR A 327 -10.77 6.06 -24.42
N GLU A 328 -9.94 6.98 -24.92
CA GLU A 328 -10.37 8.34 -25.21
C GLU A 328 -11.65 8.27 -26.03
N GLU A 329 -11.65 7.46 -27.11
CA GLU A 329 -12.81 7.35 -27.98
C GLU A 329 -14.06 7.01 -27.14
N LEU A 330 -13.86 6.23 -26.06
CA LEU A 330 -14.96 5.79 -25.21
C LEU A 330 -15.24 6.78 -24.08
N ASP A 331 -14.64 7.98 -24.16
CA ASP A 331 -14.82 9.04 -23.17
C ASP A 331 -14.64 8.48 -21.77
N LEU A 332 -13.60 7.65 -21.57
CA LEU A 332 -13.41 7.00 -20.29
C LEU A 332 -13.12 8.04 -19.22
N PRO A 333 -12.39 9.14 -19.53
CA PRO A 333 -12.29 10.27 -18.60
C PRO A 333 -13.62 10.72 -17.99
N ALA A 334 -14.63 10.97 -18.82
CA ALA A 334 -15.92 11.42 -18.31
C ALA A 334 -16.50 10.35 -17.37
N VAL A 335 -16.26 9.07 -17.70
CA VAL A 335 -16.70 7.96 -16.87
C VAL A 335 -16.00 8.05 -15.52
N PHE A 336 -14.72 8.40 -15.55
CA PHE A 336 -13.91 8.55 -14.35
C PHE A 336 -14.37 9.76 -13.57
N LEU A 337 -14.44 10.91 -14.26
CA LEU A 337 -14.92 12.15 -13.67
C LEU A 337 -16.21 11.87 -12.92
N GLN A 338 -17.11 11.11 -13.56
CA GLN A 338 -18.34 10.66 -12.93
C GLN A 338 -18.06 9.81 -11.69
N TYR A 339 -17.20 8.79 -11.82
CA TYR A 339 -16.85 7.91 -10.71
C TYR A 339 -16.41 8.74 -9.50
N GLU A 340 -15.52 9.73 -9.71
CA GLU A 340 -14.97 10.54 -8.64
C GLU A 340 -16.10 11.17 -7.83
N GLU A 341 -17.01 11.84 -8.55
CA GLU A 341 -18.06 12.64 -7.96
C GLU A 341 -18.94 11.75 -7.08
N ASP A 342 -19.43 10.64 -7.66
CA ASP A 342 -20.25 9.70 -6.91
C ASP A 342 -19.47 9.30 -5.65
N SER A 343 -18.19 9.02 -5.84
CA SER A 343 -17.35 8.41 -4.81
C SER A 343 -17.16 9.39 -3.65
N TYR A 344 -16.90 10.66 -3.97
CA TYR A 344 -16.87 11.73 -2.96
C TYR A 344 -18.10 11.69 -2.06
N SER A 345 -19.30 11.69 -2.64
CA SER A 345 -20.53 11.67 -1.84
C SER A 345 -20.64 10.40 -1.00
N HIS A 346 -20.29 9.26 -1.57
CA HIS A 346 -20.40 7.98 -0.88
C HIS A 346 -19.47 8.01 0.33
N ILE A 347 -18.23 8.48 0.12
CA ILE A 347 -17.22 8.43 1.17
C ILE A 347 -17.60 9.37 2.32
N MET A 348 -17.92 10.63 1.99
CA MET A 348 -18.32 11.56 3.03
C MET A 348 -19.51 10.97 3.80
N ALA A 349 -20.45 10.33 3.09
CA ALA A 349 -21.63 9.75 3.74
C ALA A 349 -21.22 8.67 4.74
N LEU A 350 -20.23 7.86 4.36
CA LEU A 350 -19.79 6.76 5.21
C LEU A 350 -19.13 7.32 6.47
N ILE A 351 -18.30 8.35 6.28
CA ILE A 351 -17.59 8.95 7.39
C ILE A 351 -18.63 9.53 8.37
N GLU A 352 -19.61 10.28 7.85
CA GLU A 352 -20.69 10.77 8.68
C GLU A 352 -21.22 9.60 9.50
N GLN A 353 -21.65 8.54 8.82
CA GLN A 353 -22.39 7.46 9.45
C GLN A 353 -21.51 6.56 10.33
N TYR A 354 -20.20 6.46 10.04
CA TYR A 354 -19.44 5.35 10.61
C TYR A 354 -18.16 5.80 11.33
N ALA A 355 -17.76 7.08 11.25
CA ALA A 355 -16.47 7.46 11.82
C ALA A 355 -16.53 7.47 13.35
N ALA A 356 -17.48 8.24 13.89
CA ALA A 356 -17.70 8.20 15.32
C ALA A 356 -17.99 6.76 15.74
N PRO A 357 -17.33 6.26 16.81
CA PRO A 357 -16.71 7.13 17.82
C PRO A 357 -15.36 7.78 17.52
N LEU A 358 -14.79 7.57 16.33
CA LEU A 358 -13.51 8.18 16.00
C LEU A 358 -13.71 9.58 15.42
N PRO A 359 -12.69 10.45 15.50
CA PRO A 359 -12.73 11.77 14.86
C PRO A 359 -12.78 11.67 13.34
N PRO A 360 -13.77 12.31 12.68
CA PRO A 360 -13.75 12.42 11.24
C PRO A 360 -12.38 12.71 10.63
N ALA A 361 -11.50 13.43 11.35
CA ALA A 361 -10.30 13.97 10.75
C ALA A 361 -9.21 12.92 10.51
N VAL A 362 -9.36 11.70 11.02
CA VAL A 362 -8.40 10.65 10.75
C VAL A 362 -8.62 10.15 9.32
N PHE A 363 -9.89 9.95 8.98
CA PHE A 363 -10.32 9.63 7.62
C PHE A 363 -9.95 10.78 6.69
N LEU A 364 -10.37 12.00 7.04
CA LEU A 364 -10.22 13.11 6.12
C LEU A 364 -8.75 13.44 5.96
N GLY A 365 -8.02 13.41 7.08
CA GLY A 365 -6.60 13.71 7.05
C GLY A 365 -5.87 12.83 6.05
N LEU A 366 -6.23 11.54 6.05
CA LEU A 366 -5.61 10.54 5.19
C LEU A 366 -5.99 10.79 3.73
N ALA A 367 -7.30 10.90 3.44
CA ALA A 367 -7.76 11.30 2.12
C ALA A 367 -6.96 12.50 1.63
N ARG A 368 -6.99 13.60 2.41
CA ARG A 368 -6.24 14.80 2.06
C ARG A 368 -4.86 14.37 1.54
N LYS A 369 -4.16 13.56 2.35
CA LYS A 369 -2.76 13.20 2.11
C LYS A 369 -2.55 12.26 0.92
N ILE A 370 -3.49 11.34 0.65
CA ILE A 370 -3.24 10.38 -0.42
C ILE A 370 -3.61 10.98 -1.76
N TYR A 371 -4.61 11.88 -1.81
CA TYR A 371 -4.97 12.56 -3.05
C TYR A 371 -3.77 13.37 -3.57
C4 A1A05 B . -12.19 16.07 -9.13
C5 A1A05 B . -12.75 15.40 -8.06
C6 A1A05 B . -14.12 15.32 -8.03
N1 A1A05 B . -14.88 15.87 -9.01
N3 A1A05 B . -12.89 16.64 -10.14
OAU A1A05 B . -8.22 15.18 -10.42
PAS A1A05 B . -9.30 15.93 -11.37
OAV A1A05 B . -8.59 16.79 -12.34
OAW A1A05 B . -10.28 14.93 -11.90
CAR A1A05 B . -10.14 16.99 -10.11
PAT A1A05 B . -8.92 17.92 -9.16
OAX A1A05 B . -8.69 17.18 -7.76
OAZ A1A05 B . -7.62 17.84 -9.87
OAY A1A05 B . -9.49 19.24 -8.78
NAJ A1A05 B . -10.86 16.15 -9.16
C2 A1A05 B . -14.29 16.55 -10.10
SAE A1A05 B . -14.54 14.43 -6.60
CAC A1A05 B . -12.16 14.77 -6.97
CAD A1A05 B . -12.98 14.21 -6.05
CAK A1A05 B . -12.60 13.49 -4.97
CAP A1A05 B . -11.53 13.81 -4.13
CAO A1A05 B . -11.18 12.97 -3.06
CAL A1A05 B . -13.25 12.25 -4.69
CAM A1A05 B . -12.89 11.40 -3.63
CAN A1A05 B . -11.84 11.76 -2.79
CAQ A1A05 B . -11.39 10.98 -1.68
CBA A1A05 B . -12.34 10.51 -0.57
FBC A1A05 B . -13.74 10.69 -0.62
FBD A1A05 B . -11.90 10.33 0.61
CBB A1A05 B . -11.84 9.53 -1.48
C4 A1A05 C . 1.31 -3.58 -5.81
C5 A1A05 C . 1.39 -4.45 -4.75
C6 A1A05 C . 0.93 -4.04 -3.55
N1 A1A05 C . 0.41 -2.81 -3.38
N3 A1A05 C . 0.77 -2.35 -5.70
OAU A1A05 C . 2.02 -5.85 -9.43
PAS A1A05 C . 1.24 -4.40 -9.68
OAV A1A05 C . 1.72 -3.81 -10.97
OAW A1A05 C . -0.21 -4.58 -9.46
CAR A1A05 C . 1.77 -3.25 -8.25
PAT A1A05 C . 3.48 -2.46 -8.46
OAX A1A05 C . 3.31 -1.67 -9.84
OAZ A1A05 C . 3.69 -1.51 -7.33
OAY A1A05 C . 4.50 -3.50 -8.72
NAJ A1A05 C . 1.78 -4.03 -6.99
C2 A1A05 C . 0.30 -1.92 -4.46
SAE A1A05 C . 1.15 -5.38 -2.43
CAC A1A05 C . 1.92 -5.74 -4.72
CAD A1A05 C . 1.87 -6.42 -3.55
CAK A1A05 C . 2.38 -7.65 -3.29
CAP A1A05 C . 3.41 -8.18 -4.07
CAO A1A05 C . 4.01 -9.41 -3.75
CAL A1A05 C . 2.03 -8.39 -2.14
CAM A1A05 C . 2.61 -9.62 -1.82
CAN A1A05 C . 3.62 -10.16 -2.61
CAQ A1A05 C . 4.23 -11.43 -2.32
CBA A1A05 C . 4.72 -11.77 -0.95
FBC A1A05 C . 4.59 -10.79 0.04
FBD A1A05 C . 5.71 -12.47 -0.87
CBB A1A05 C . 3.54 -12.44 -1.50
C4 A1A05 D . -13.68 19.56 -8.33
C5 A1A05 D . -13.40 19.00 -7.12
C6 A1A05 D . -14.45 18.66 -6.32
N1 A1A05 D . -15.75 18.85 -6.66
N3 A1A05 D . -14.97 19.76 -8.73
OAU A1A05 D . -12.89 20.67 -13.19
PAS A1A05 D . -12.06 19.93 -12.01
OAV A1A05 D . -12.43 18.48 -12.06
OAW A1A05 D . -10.63 20.34 -12.10
CAR A1A05 D . -12.85 20.75 -10.39
PAT A1A05 D . -12.28 22.57 -10.10
OAX A1A05 D . -10.64 22.57 -10.08
OAZ A1A05 D . -12.75 23.45 -11.21
OAY A1A05 D . -12.72 22.89 -8.72
NAJ A1A05 D . -12.65 19.91 -9.16
C2 A1A05 D . -16.05 19.42 -7.91
SAE A1A05 D . -13.88 18.02 -4.97
CAC A1A05 D . -12.19 18.70 -6.52
CAD A1A05 D . -12.32 18.14 -5.30
CAK A1A05 D . -11.40 17.72 -4.42
CAP A1A05 D . -11.95 17.23 -3.22
CAO A1A05 D . -11.15 16.78 -2.21
CAL A1A05 D . -10.00 17.75 -4.56
CAM A1A05 D . -9.19 17.26 -3.50
CAN A1A05 D . -9.77 16.77 -2.32
CAQ A1A05 D . -9.01 16.29 -1.22
CBA A1A05 D . -9.70 16.30 0.18
FBC A1A05 D . -11.21 16.50 0.47
FBD A1A05 D . -9.04 16.70 1.13
CBB A1A05 D . -9.35 15.01 -0.42
C1 GOL E . -4.02 -13.49 12.69
O1 GOL E . -3.49 -14.75 13.09
C2 GOL E . -5.10 -13.63 11.63
O2 GOL E . -6.39 -13.59 12.24
C3 GOL E . -4.93 -14.88 10.78
O3 GOL E . -3.66 -14.86 10.14
S SO4 F . 4.34 5.78 -0.08
S SO4 F . 6.29 3.92 -1.40
O1 SO4 F . 5.34 4.78 0.21
O1 SO4 F . 7.11 3.14 -2.29
O2 SO4 F . 3.87 6.36 1.15
O2 SO4 F . 6.64 3.64 -0.04
O3 SO4 F . 4.90 6.77 -0.93
O3 SO4 F . 6.51 5.32 -1.67
O4 SO4 F . 3.22 5.16 -0.78
O4 SO4 F . 4.90 3.61 -1.63
#